data_7HT6
#
_entry.id   7HT6
#
_cell.length_a   99.097
_cell.length_b   99.127
_cell.length_c   128.869
_cell.angle_alpha   90.00
_cell.angle_beta   90.00
_cell.angle_gamma   90.00
#
_symmetry.space_group_name_H-M   'I 2 2 2'
#
loop_
_entity.id
_entity.type
_entity.pdbx_description
1 polymer 'Oleoyl-acyl carrier protein thioesterase 1, chloroplastic'
2 non-polymer [(2R)-2-methylpiperidin-1-yl](pyrazin-2-yl)methanone
3 non-polymer 'SULFATE ION'
4 water water
#
_entity_poly.entity_id   1
_entity_poly.type   'polypeptide(L)'
_entity_poly.pdbx_seq_one_letter_code
;MGSLTEDGLSYKEKFVVRSYEVGSNKTATVETIANLLQEVGCNHAQSVGFSTDGFATTTTMRKLHLIWVTARMHIEIYKY
PAWGDVVEIETWCQSEGRIGTRRDWILKDSVTGEVTGRATSKWVMMNQDTRRLQKVSDDVRDEYLVFCPQEPRLAFPEEN
NRSLKKIPKLEDPAQYSMIGLKPRRADLDMNQHVNNVTYIGWVLESIPQEIVDTHELQVITLDYRRECQQDDVVDSLTTT
TSEIGGTNGSATSGTQGHNDSQFLHLLRLSGDGQEINRGTTLWRKKPSSHHHHHH
;
_entity_poly.pdbx_strand_id   A,B
#
loop_
_chem_comp.id
_chem_comp.type
_chem_comp.name
_chem_comp.formula
A1BMV non-polymer [(2R)-2-methylpiperidin-1-yl](pyrazin-2-yl)methanone 'C11 H15 N3 O'
SO4 non-polymer 'SULFATE ION' 'O4 S -2'
#
# COMPACT_ATOMS: atom_id res chain seq x y z
N GLY A 2 15.27 -12.72 -5.87
CA GLY A 2 15.38 -12.17 -7.20
C GLY A 2 16.79 -12.23 -7.74
N SER A 3 16.93 -12.27 -9.07
CA SER A 3 18.24 -12.35 -9.66
C SER A 3 18.25 -11.99 -11.13
N LEU A 4 19.41 -11.55 -11.63
CA LEU A 4 19.61 -11.33 -13.06
C LEU A 4 19.64 -12.72 -13.71
N THR A 5 19.15 -12.82 -14.94
CA THR A 5 19.20 -14.08 -15.67
C THR A 5 20.65 -14.40 -16.15
N GLU A 6 20.87 -15.56 -16.76
CA GLU A 6 22.20 -15.98 -17.16
C GLU A 6 22.97 -14.99 -18.02
N ASP A 7 22.28 -14.32 -18.96
CA ASP A 7 22.97 -13.38 -19.84
C ASP A 7 23.20 -11.97 -19.20
N GLY A 8 22.64 -11.73 -18.00
CA GLY A 8 22.73 -10.47 -17.29
C GLY A 8 21.95 -9.34 -17.96
N LEU A 9 21.09 -9.66 -18.97
CA LEU A 9 20.34 -8.67 -19.72
C LEU A 9 18.86 -8.51 -19.29
N SER A 10 18.41 -9.25 -18.27
CA SER A 10 17.07 -9.13 -17.68
C SER A 10 17.11 -9.62 -16.22
N TYR A 11 16.06 -9.33 -15.46
CA TYR A 11 16.01 -9.68 -14.05
C TYR A 11 14.68 -10.38 -13.75
N LYS A 12 14.69 -11.40 -12.89
CA LYS A 12 13.47 -12.11 -12.52
C LYS A 12 13.31 -12.17 -11.02
N GLU A 13 12.08 -12.06 -10.53
CA GLU A 13 11.81 -12.18 -9.10
C GLU A 13 10.42 -12.77 -8.87
N LYS A 14 10.27 -13.55 -7.79
CA LYS A 14 9.02 -14.16 -7.38
C LYS A 14 8.47 -13.36 -6.19
N PHE A 15 7.17 -13.06 -6.18
CA PHE A 15 6.54 -12.30 -5.12
C PHE A 15 5.32 -13.01 -4.57
N VAL A 16 5.15 -13.05 -3.24
CA VAL A 16 3.93 -13.59 -2.64
C VAL A 16 2.92 -12.44 -2.60
N VAL A 17 1.64 -12.71 -2.92
CA VAL A 17 0.61 -11.67 -2.82
C VAL A 17 0.16 -11.57 -1.35
N ARG A 18 0.40 -10.44 -0.67
CA ARG A 18 0.05 -10.27 0.74
C ARG A 18 -1.42 -9.86 0.96
N SER A 19 -1.95 -10.12 2.18
CA SER A 19 -3.35 -9.86 2.56
C SER A 19 -3.77 -8.43 2.33
N TYR A 20 -2.90 -7.47 2.68
CA TYR A 20 -3.20 -6.05 2.45
C TYR A 20 -3.10 -5.62 0.96
N GLU A 21 -2.71 -6.54 0.08
CA GLU A 21 -2.58 -6.27 -1.35
C GLU A 21 -3.78 -6.75 -2.19
N VAL A 22 -4.76 -7.42 -1.55
CA VAL A 22 -5.94 -7.95 -2.23
C VAL A 22 -7.14 -7.02 -1.99
N GLY A 23 -7.93 -6.83 -3.03
CA GLY A 23 -9.07 -5.94 -2.96
C GLY A 23 -10.41 -6.63 -2.89
N SER A 24 -11.48 -5.85 -3.11
N SER A 24 -11.50 -5.86 -3.08
N SER A 24 -11.48 -5.85 -3.11
CA SER A 24 -12.89 -6.27 -3.07
CA SER A 24 -12.88 -6.36 -3.02
CA SER A 24 -12.89 -6.27 -3.07
C SER A 24 -13.17 -7.47 -3.99
C SER A 24 -13.15 -7.52 -3.96
C SER A 24 -13.17 -7.47 -3.99
N ASN A 25 -12.41 -7.61 -5.08
CA ASN A 25 -12.58 -8.71 -6.04
C ASN A 25 -12.04 -10.08 -5.50
N LYS A 26 -11.47 -10.10 -4.25
CA LYS A 26 -10.85 -11.29 -3.62
C LYS A 26 -9.49 -11.66 -4.26
N THR A 27 -8.93 -10.77 -5.13
CA THR A 27 -7.64 -10.95 -5.79
C THR A 27 -6.80 -9.63 -5.67
N ALA A 28 -5.53 -9.65 -6.14
CA ALA A 28 -4.68 -8.47 -6.21
C ALA A 28 -5.36 -7.40 -7.08
N THR A 29 -5.18 -6.14 -6.72
CA THR A 29 -5.73 -5.03 -7.46
C THR A 29 -4.75 -4.64 -8.59
N VAL A 30 -5.19 -3.78 -9.51
CA VAL A 30 -4.38 -3.18 -10.58
C VAL A 30 -3.19 -2.43 -9.92
N GLU A 31 -3.48 -1.68 -8.86
CA GLU A 31 -2.47 -0.97 -8.07
C GLU A 31 -1.45 -1.92 -7.44
N THR A 32 -1.88 -3.10 -6.94
CA THR A 32 -0.92 -4.07 -6.40
C THR A 32 0.02 -4.59 -7.49
N ILE A 33 -0.51 -4.87 -8.69
CA ILE A 33 0.29 -5.33 -9.81
C ILE A 33 1.37 -4.29 -10.15
N ALA A 34 0.96 -3.00 -10.28
CA ALA A 34 1.84 -1.85 -10.56
C ALA A 34 2.93 -1.67 -9.51
N ASN A 35 2.59 -1.91 -8.23
CA ASN A 35 3.52 -1.85 -7.11
C ASN A 35 4.59 -2.92 -7.31
N LEU A 36 4.17 -4.15 -7.71
CA LEU A 36 5.07 -5.28 -7.96
C LEU A 36 5.97 -5.03 -9.16
N LEU A 37 5.45 -4.34 -10.19
CA LEU A 37 6.27 -3.97 -11.35
C LEU A 37 7.36 -2.97 -10.94
N GLN A 38 7.02 -2.02 -10.07
CA GLN A 38 7.95 -1.02 -9.59
C GLN A 38 9.06 -1.67 -8.78
N GLU A 39 8.69 -2.58 -7.85
CA GLU A 39 9.62 -3.29 -6.98
C GLU A 39 10.62 -4.13 -7.78
N VAL A 40 10.16 -4.85 -8.82
CA VAL A 40 11.06 -5.67 -9.61
C VAL A 40 12.00 -4.77 -10.48
N GLY A 41 11.50 -3.60 -10.91
CA GLY A 41 12.28 -2.62 -11.66
C GLY A 41 13.40 -2.01 -10.80
N CYS A 42 13.10 -1.72 -9.52
N CYS A 42 13.10 -1.72 -9.52
N CYS A 42 13.10 -1.72 -9.52
CA CYS A 42 14.07 -1.15 -8.59
CA CYS A 42 14.09 -1.15 -8.62
CA CYS A 42 14.07 -1.15 -8.59
C CYS A 42 15.16 -2.18 -8.27
C CYS A 42 15.17 -2.18 -8.28
C CYS A 42 15.16 -2.18 -8.27
N ASN A 43 14.76 -3.43 -8.06
CA ASN A 43 15.71 -4.51 -7.76
C ASN A 43 16.65 -4.80 -8.97
N HIS A 44 16.12 -4.67 -10.22
CA HIS A 44 16.93 -4.82 -11.43
C HIS A 44 17.99 -3.70 -11.49
N ALA A 45 17.60 -2.43 -11.29
CA ALA A 45 18.55 -1.30 -11.30
C ALA A 45 19.61 -1.43 -10.17
N GLN A 46 19.19 -1.92 -9.00
CA GLN A 46 20.12 -2.09 -7.87
C GLN A 46 21.13 -3.21 -8.18
N SER A 47 20.67 -4.31 -8.77
N SER A 47 20.67 -4.32 -8.76
N SER A 47 20.67 -4.31 -8.77
CA SER A 47 21.50 -5.46 -9.13
CA SER A 47 21.54 -5.46 -9.10
CA SER A 47 21.50 -5.46 -9.13
C SER A 47 22.66 -5.12 -10.08
C SER A 47 22.68 -5.11 -10.05
C SER A 47 22.66 -5.12 -10.08
N VAL A 48 22.58 -3.99 -10.78
CA VAL A 48 23.61 -3.54 -11.72
C VAL A 48 24.25 -2.19 -11.29
N GLY A 49 24.19 -1.88 -9.99
CA GLY A 49 24.81 -0.70 -9.40
C GLY A 49 24.17 0.66 -9.50
N PHE A 50 22.84 0.75 -9.66
CA PHE A 50 22.16 2.05 -9.71
C PHE A 50 21.56 2.40 -8.35
N ALA A 56 18.00 3.96 -11.25
CA ALA A 56 17.61 4.67 -12.47
C ALA A 56 18.71 5.58 -13.07
N THR A 57 19.35 6.41 -12.24
CA THR A 57 20.32 7.39 -12.70
C THR A 57 21.79 6.97 -12.71
N THR A 58 22.48 7.22 -13.83
CA THR A 58 23.93 6.97 -13.92
C THR A 58 24.64 8.17 -13.24
N THR A 59 25.96 8.06 -12.95
CA THR A 59 26.70 9.18 -12.35
C THR A 59 26.74 10.42 -13.24
N THR A 60 26.58 10.25 -14.57
CA THR A 60 26.54 11.37 -15.50
C THR A 60 25.20 12.14 -15.38
N MET A 61 24.08 11.42 -15.15
N MET A 61 24.09 11.42 -15.15
N MET A 61 24.08 11.42 -15.15
CA MET A 61 22.78 12.07 -15.00
CA MET A 61 22.79 12.05 -15.00
CA MET A 61 22.78 12.07 -15.00
C MET A 61 22.72 12.86 -13.69
C MET A 61 22.72 12.85 -13.70
C MET A 61 22.72 12.86 -13.69
N ARG A 62 23.26 12.27 -12.62
CA ARG A 62 23.28 12.91 -11.28
C ARG A 62 24.05 14.24 -11.27
N LYS A 63 25.11 14.28 -12.06
CA LYS A 63 26.00 15.41 -12.26
C LYS A 63 25.20 16.55 -12.91
N LEU A 64 24.40 16.26 -13.94
CA LEU A 64 23.65 17.31 -14.64
C LEU A 64 22.24 17.57 -14.12
N HIS A 65 21.86 16.95 -12.99
CA HIS A 65 20.52 17.04 -12.39
C HIS A 65 19.44 16.47 -13.29
N LEU A 66 19.74 15.36 -13.95
CA LEU A 66 18.80 14.68 -14.86
C LEU A 66 18.22 13.42 -14.25
N ILE A 67 16.93 13.16 -14.52
CA ILE A 67 16.18 11.99 -14.05
C ILE A 67 15.33 11.36 -15.17
N TRP A 68 15.00 10.08 -15.01
CA TRP A 68 14.11 9.38 -15.93
C TRP A 68 12.69 9.56 -15.38
N VAL A 69 11.76 9.96 -16.22
CA VAL A 69 10.38 10.15 -15.80
C VAL A 69 9.44 9.29 -16.67
N THR A 70 8.36 8.71 -16.09
CA THR A 70 7.43 7.91 -16.88
C THR A 70 6.58 8.84 -17.76
N ALA A 71 6.50 8.56 -19.05
CA ALA A 71 5.64 9.31 -19.97
C ALA A 71 4.38 8.45 -20.24
N ARG A 72 4.55 7.13 -20.39
CA ARG A 72 3.41 6.23 -20.60
C ARG A 72 3.60 4.89 -19.92
N MET A 73 2.51 4.31 -19.45
CA MET A 73 2.48 3.00 -18.78
C MET A 73 1.30 2.23 -19.41
N HIS A 74 1.53 1.00 -19.82
CA HIS A 74 0.49 0.17 -20.42
C HIS A 74 0.54 -1.21 -19.77
N ILE A 75 -0.54 -1.63 -19.11
CA ILE A 75 -0.61 -2.94 -18.45
C ILE A 75 -1.79 -3.75 -18.97
N GLU A 76 -1.56 -5.05 -19.16
CA GLU A 76 -2.62 -5.95 -19.57
C GLU A 76 -2.56 -7.17 -18.65
N ILE A 77 -3.68 -7.49 -17.97
CA ILE A 77 -3.78 -8.63 -17.05
C ILE A 77 -4.83 -9.63 -17.53
N TYR A 78 -4.43 -10.89 -17.68
CA TYR A 78 -5.32 -11.99 -18.10
C TYR A 78 -5.88 -12.73 -16.90
N LYS A 79 -5.11 -12.80 -15.81
CA LYS A 79 -5.51 -13.51 -14.60
C LYS A 79 -4.89 -12.82 -13.38
N TYR A 80 -5.73 -12.41 -12.42
CA TYR A 80 -5.24 -11.76 -11.21
C TYR A 80 -4.91 -12.77 -10.13
N PRO A 81 -3.70 -12.70 -9.53
CA PRO A 81 -3.36 -13.65 -8.46
C PRO A 81 -4.18 -13.41 -7.17
N ALA A 82 -4.50 -14.49 -6.48
CA ALA A 82 -5.23 -14.43 -5.21
C ALA A 82 -4.23 -14.29 -4.02
N TRP A 83 -4.72 -14.02 -2.78
CA TRP A 83 -3.91 -13.93 -1.57
C TRP A 83 -3.06 -15.22 -1.40
N GLY A 84 -1.77 -15.07 -1.20
CA GLY A 84 -0.88 -16.21 -1.02
C GLY A 84 -0.30 -16.79 -2.29
N ASP A 85 -0.82 -16.38 -3.47
CA ASP A 85 -0.28 -16.86 -4.74
C ASP A 85 1.10 -16.25 -5.01
N VAL A 86 1.97 -16.99 -5.71
CA VAL A 86 3.31 -16.51 -6.03
C VAL A 86 3.35 -16.07 -7.51
N VAL A 87 3.73 -14.82 -7.79
CA VAL A 87 3.79 -14.34 -9.16
C VAL A 87 5.27 -14.17 -9.56
N GLU A 88 5.67 -14.70 -10.74
CA GLU A 88 7.05 -14.55 -11.19
C GLU A 88 7.10 -13.44 -12.25
N ILE A 89 7.88 -12.38 -12.03
CA ILE A 89 7.95 -11.26 -12.96
C ILE A 89 9.34 -11.12 -13.59
N GLU A 90 9.41 -11.07 -14.93
CA GLU A 90 10.68 -10.85 -15.61
C GLU A 90 10.69 -9.43 -16.21
N THR A 91 11.71 -8.62 -15.91
CA THR A 91 11.80 -7.27 -16.43
C THR A 91 13.13 -6.98 -17.18
N TRP A 92 13.08 -6.10 -18.17
CA TRP A 92 14.27 -5.70 -18.92
C TRP A 92 14.09 -4.29 -19.46
N CYS A 93 15.21 -3.63 -19.78
N CYS A 93 15.21 -3.65 -19.82
N CYS A 93 15.21 -3.63 -19.78
CA CYS A 93 15.13 -2.27 -20.34
CA CYS A 93 15.18 -2.30 -20.36
CA CYS A 93 15.13 -2.27 -20.34
C CYS A 93 15.77 -2.20 -21.73
C CYS A 93 15.72 -2.26 -21.77
C CYS A 93 15.77 -2.20 -21.73
N GLN A 94 15.34 -1.22 -22.53
CA GLN A 94 15.85 -1.07 -23.88
C GLN A 94 15.90 0.41 -24.26
N SER A 95 16.92 0.77 -25.02
CA SER A 95 17.08 2.12 -25.49
C SER A 95 16.15 2.33 -26.70
N GLU A 96 15.62 3.54 -26.84
CA GLU A 96 14.76 3.87 -27.98
C GLU A 96 15.33 5.09 -28.69
N GLY A 97 16.62 4.96 -29.05
CA GLY A 97 17.38 6.02 -29.70
C GLY A 97 17.54 7.21 -28.77
N ARG A 98 17.31 8.40 -29.28
CA ARG A 98 17.39 9.61 -28.47
C ARG A 98 16.05 10.00 -27.82
N ILE A 99 14.96 9.28 -28.14
CA ILE A 99 13.62 9.55 -27.60
C ILE A 99 13.51 9.23 -26.09
N GLY A 100 14.15 8.14 -25.68
CA GLY A 100 14.14 7.74 -24.28
C GLY A 100 14.39 6.27 -24.09
N THR A 101 13.92 5.72 -22.98
CA THR A 101 14.06 4.32 -22.65
C THR A 101 12.72 3.63 -22.52
N ARG A 102 12.72 2.30 -22.58
CA ARG A 102 11.52 1.51 -22.42
C ARG A 102 11.80 0.42 -21.37
N ARG A 103 10.85 0.17 -20.47
CA ARG A 103 10.98 -0.96 -19.56
C ARG A 103 9.80 -1.88 -19.82
N ASP A 104 10.05 -3.17 -20.00
CA ASP A 104 8.99 -4.15 -20.23
C ASP A 104 8.93 -5.21 -19.14
N TRP A 105 7.77 -5.81 -18.96
CA TRP A 105 7.60 -6.85 -17.95
C TRP A 105 6.73 -7.98 -18.49
N ILE A 106 6.98 -9.20 -18.00
CA ILE A 106 6.18 -10.39 -18.27
C ILE A 106 5.81 -10.94 -16.90
N LEU A 107 4.51 -11.15 -16.64
CA LEU A 107 4.08 -11.72 -15.36
C LEU A 107 3.64 -13.15 -15.60
N LYS A 108 4.07 -14.09 -14.75
CA LYS A 108 3.73 -15.51 -14.89
C LYS A 108 3.20 -16.12 -13.59
N ASP A 109 2.42 -17.20 -13.73
CA ASP A 109 1.97 -17.96 -12.58
C ASP A 109 3.15 -18.88 -12.25
N SER A 110 3.65 -18.84 -11.02
CA SER A 110 4.79 -19.68 -10.63
C SER A 110 4.53 -21.18 -10.74
N VAL A 111 3.28 -21.61 -10.54
CA VAL A 111 2.95 -23.04 -10.59
C VAL A 111 2.77 -23.58 -12.01
N THR A 112 2.05 -22.86 -12.86
CA THR A 112 1.73 -23.32 -14.20
C THR A 112 2.72 -22.83 -15.28
N GLY A 113 3.47 -21.76 -14.98
CA GLY A 113 4.40 -21.16 -15.94
C GLY A 113 3.73 -20.32 -17.02
N GLU A 114 2.39 -20.21 -16.98
CA GLU A 114 1.65 -19.45 -17.98
C GLU A 114 1.70 -17.95 -17.73
N VAL A 115 1.71 -17.17 -18.85
CA VAL A 115 1.71 -15.71 -18.82
C VAL A 115 0.36 -15.21 -18.32
N THR A 116 0.35 -14.55 -17.16
CA THR A 116 -0.88 -14.01 -16.60
C THR A 116 -1.02 -12.48 -16.80
N GLY A 117 0.00 -11.85 -17.36
CA GLY A 117 0.00 -10.42 -17.63
C GLY A 117 1.26 -9.94 -18.30
N ARG A 118 1.22 -8.72 -18.85
CA ARG A 118 2.40 -8.11 -19.45
C ARG A 118 2.30 -6.58 -19.41
N ALA A 119 3.44 -5.91 -19.35
CA ALA A 119 3.45 -4.46 -19.26
C ALA A 119 4.59 -3.79 -20.01
N THR A 120 4.40 -2.52 -20.37
CA THR A 120 5.43 -1.73 -21.03
C THR A 120 5.33 -0.27 -20.54
N SER A 121 6.46 0.44 -20.54
CA SER A 121 6.48 1.82 -20.09
C SER A 121 7.50 2.63 -20.88
N LYS A 122 7.15 3.89 -21.22
CA LYS A 122 8.07 4.79 -21.94
C LYS A 122 8.62 5.79 -20.95
N TRP A 123 9.94 5.93 -20.88
CA TRP A 123 10.58 6.85 -19.95
C TRP A 123 11.34 7.91 -20.74
N VAL A 124 11.23 9.16 -20.32
CA VAL A 124 11.93 10.27 -20.98
C VAL A 124 12.88 10.94 -20.00
N MET A 125 13.92 11.58 -20.54
CA MET A 125 14.89 12.27 -19.70
C MET A 125 14.40 13.70 -19.41
N MET A 126 14.54 14.16 -18.15
CA MET A 126 14.08 15.48 -17.70
C MET A 126 15.05 16.09 -16.67
N ASN A 127 15.21 17.43 -16.71
CA ASN A 127 16.00 18.10 -15.70
C ASN A 127 15.11 18.19 -14.47
N GLN A 128 15.57 17.63 -13.36
CA GLN A 128 14.96 17.57 -12.03
C GLN A 128 14.39 18.91 -11.54
N ASP A 129 15.08 20.03 -11.81
CA ASP A 129 14.72 21.34 -11.31
C ASP A 129 13.81 22.15 -12.24
N THR A 130 14.20 22.33 -13.51
CA THR A 130 13.41 23.10 -14.46
C THR A 130 12.22 22.33 -15.03
N ARG A 131 12.24 20.98 -14.93
CA ARG A 131 11.21 20.11 -15.50
C ARG A 131 11.25 20.09 -17.05
N ARG A 132 12.39 20.47 -17.65
CA ARG A 132 12.55 20.47 -19.10
C ARG A 132 13.04 19.15 -19.65
N LEU A 133 12.28 18.59 -20.59
CA LEU A 133 12.64 17.31 -21.20
C LEU A 133 13.78 17.48 -22.19
N GLN A 134 14.52 16.42 -22.44
CA GLN A 134 15.64 16.47 -23.37
C GLN A 134 15.93 15.12 -24.00
N LYS A 135 16.49 15.14 -25.21
CA LYS A 135 16.86 13.93 -25.91
C LYS A 135 18.08 13.29 -25.22
N VAL A 136 18.20 11.98 -25.34
CA VAL A 136 19.28 11.25 -24.69
C VAL A 136 20.63 11.49 -25.36
N SER A 137 21.59 12.02 -24.59
CA SER A 137 22.93 12.25 -25.12
C SER A 137 23.64 10.90 -25.39
N ASP A 138 24.67 10.93 -26.23
CA ASP A 138 25.40 9.72 -26.58
C ASP A 138 26.11 9.10 -25.39
N ASP A 139 26.68 9.92 -24.50
CA ASP A 139 27.39 9.43 -23.32
C ASP A 139 26.46 8.68 -22.39
N VAL A 140 25.26 9.24 -22.15
CA VAL A 140 24.27 8.61 -21.29
C VAL A 140 23.75 7.31 -21.92
N ARG A 141 23.51 7.33 -23.23
CA ARG A 141 23.04 6.16 -23.98
C ARG A 141 23.97 4.95 -23.80
N ASP A 142 25.29 5.16 -23.96
CA ASP A 142 26.28 4.08 -23.84
C ASP A 142 26.43 3.53 -22.43
N GLU A 143 26.08 4.33 -21.41
CA GLU A 143 26.17 3.90 -20.00
C GLU A 143 25.14 2.82 -19.66
N TYR A 144 23.92 2.90 -20.24
CA TYR A 144 22.91 1.89 -19.95
C TYR A 144 22.76 0.82 -21.04
N LEU A 145 23.43 0.98 -22.19
CA LEU A 145 23.32 0.00 -23.27
C LEU A 145 23.95 -1.34 -22.93
N VAL A 146 24.95 -1.36 -22.03
CA VAL A 146 25.60 -2.60 -21.60
C VAL A 146 24.69 -3.50 -20.74
N PHE A 147 23.58 -2.95 -20.21
CA PHE A 147 22.61 -3.70 -19.39
C PHE A 147 21.31 -4.04 -20.13
N CYS A 148 21.24 -3.77 -21.43
CA CYS A 148 20.05 -3.94 -22.25
C CYS A 148 20.29 -4.94 -23.36
N PRO A 149 19.26 -5.75 -23.73
CA PRO A 149 19.42 -6.63 -24.91
C PRO A 149 19.61 -5.78 -26.18
N GLN A 150 20.45 -6.26 -27.08
CA GLN A 150 20.79 -5.54 -28.31
C GLN A 150 19.72 -5.71 -29.39
N GLU A 151 19.28 -6.95 -29.66
CA GLU A 151 18.19 -7.19 -30.59
C GLU A 151 16.88 -6.74 -29.89
N PRO A 152 15.90 -6.17 -30.61
CA PRO A 152 14.65 -5.74 -29.93
C PRO A 152 13.96 -6.89 -29.20
N ARG A 153 13.51 -6.63 -27.97
CA ARG A 153 12.79 -7.60 -27.15
C ARG A 153 11.57 -6.88 -26.59
N LEU A 154 10.41 -7.15 -27.18
CA LEU A 154 9.17 -6.46 -26.80
C LEU A 154 8.15 -7.31 -26.07
N ALA A 155 7.63 -6.79 -24.95
CA ALA A 155 6.53 -7.47 -24.25
C ALA A 155 5.26 -7.44 -25.13
N PHE A 156 5.10 -6.36 -25.95
CA PHE A 156 3.99 -6.18 -26.90
C PHE A 156 4.55 -6.08 -28.32
N PRO A 157 4.93 -7.22 -28.93
CA PRO A 157 5.55 -7.16 -30.25
C PRO A 157 4.62 -6.76 -31.40
N GLU A 158 3.38 -7.28 -31.41
CA GLU A 158 2.32 -7.08 -32.42
C GLU A 158 2.42 -5.76 -33.22
N GLU A 159 2.28 -5.84 -34.56
CA GLU A 159 2.42 -4.69 -35.46
C GLU A 159 1.40 -3.56 -35.19
N ASN A 160 0.18 -3.92 -34.75
CA ASN A 160 -0.85 -2.91 -34.46
C ASN A 160 -1.52 -3.23 -33.12
N ASN A 161 -0.72 -3.27 -32.04
CA ASN A 161 -1.25 -3.57 -30.72
C ASN A 161 -1.90 -2.32 -30.04
N ARG A 162 -2.33 -2.42 -28.77
CA ARG A 162 -2.99 -1.30 -28.09
C ARG A 162 -2.06 -0.37 -27.28
N SER A 163 -0.79 -0.78 -27.03
CA SER A 163 0.16 0.04 -26.25
C SER A 163 0.70 1.28 -26.97
N LEU A 164 0.45 1.43 -28.27
CA LEU A 164 0.95 2.57 -29.05
C LEU A 164 -0.17 3.45 -29.64
N LYS A 165 -1.39 3.34 -29.10
CA LYS A 165 -2.52 4.14 -29.58
C LYS A 165 -2.49 5.52 -28.94
N LYS A 166 -2.79 6.57 -29.70
CA LYS A 166 -2.81 7.94 -29.16
C LYS A 166 -4.11 8.17 -28.39
N ILE A 167 -4.02 8.65 -27.14
CA ILE A 167 -5.19 8.87 -26.30
C ILE A 167 -5.76 10.29 -26.45
N PRO A 168 -7.03 10.38 -26.88
CA PRO A 168 -7.65 11.72 -27.02
C PRO A 168 -8.03 12.36 -25.68
N LYS A 169 -8.30 13.67 -25.70
CA LYS A 169 -8.67 14.38 -24.49
C LYS A 169 -10.18 14.33 -24.28
N LEU A 170 -10.61 13.95 -23.08
CA LEU A 170 -12.01 13.82 -22.71
C LEU A 170 -12.70 15.19 -22.83
N GLU A 171 -13.88 15.22 -23.47
CA GLU A 171 -14.66 16.44 -23.66
C GLU A 171 -15.69 16.60 -22.53
N ASP A 172 -15.85 17.82 -21.99
CA ASP A 172 -16.87 18.08 -20.97
C ASP A 172 -18.25 18.14 -21.66
N PRO A 173 -19.35 17.67 -21.03
CA PRO A 173 -19.41 17.08 -19.69
C PRO A 173 -18.94 15.60 -19.64
N ALA A 174 -18.25 15.20 -18.56
CA ALA A 174 -17.83 13.83 -18.40
C ALA A 174 -19.04 13.00 -17.99
N GLN A 175 -19.09 11.71 -18.37
CA GLN A 175 -20.22 10.87 -17.97
C GLN A 175 -20.17 10.58 -16.46
N TYR A 176 -18.99 10.32 -15.95
CA TYR A 176 -18.76 10.02 -14.53
C TYR A 176 -17.64 10.89 -13.97
N SER A 177 -17.65 11.13 -12.65
CA SER A 177 -16.61 11.93 -12.02
C SER A 177 -16.46 11.67 -10.53
N MET A 178 -15.24 11.85 -10.03
CA MET A 178 -14.91 11.76 -8.62
C MET A 178 -14.06 13.00 -8.33
N ILE A 179 -14.60 13.91 -7.54
CA ILE A 179 -14.10 15.25 -7.27
C ILE A 179 -13.35 15.40 -5.92
N GLY A 180 -12.37 16.31 -5.87
CA GLY A 180 -11.66 16.64 -4.66
C GLY A 180 -10.71 15.60 -4.11
N LEU A 181 -10.03 14.86 -4.99
CA LEU A 181 -9.08 13.81 -4.60
C LEU A 181 -7.74 14.42 -4.19
N LYS A 182 -7.28 14.15 -2.96
CA LYS A 182 -6.05 14.69 -2.41
C LYS A 182 -5.10 13.58 -2.06
N PRO A 183 -3.81 13.76 -2.37
CA PRO A 183 -2.82 12.76 -1.94
C PRO A 183 -2.59 12.81 -0.42
N ARG A 184 -2.46 11.65 0.20
CA ARG A 184 -2.11 11.60 1.62
C ARG A 184 -0.57 11.44 1.76
N ARG A 185 -0.04 11.62 2.97
CA ARG A 185 1.40 11.49 3.18
C ARG A 185 1.95 10.12 2.82
N ALA A 186 1.07 9.06 2.82
CA ALA A 186 1.43 7.70 2.42
C ALA A 186 1.59 7.56 0.91
N ASP A 187 0.92 8.41 0.12
CA ASP A 187 1.05 8.43 -1.35
C ASP A 187 2.38 9.05 -1.84
N LEU A 188 3.28 9.45 -0.92
CA LEU A 188 4.56 10.06 -1.30
C LEU A 188 5.68 9.03 -1.17
N ASP A 189 6.66 9.07 -2.08
CA ASP A 189 7.79 8.13 -2.05
C ASP A 189 8.94 8.64 -1.12
N MET A 190 10.14 7.99 -1.18
CA MET A 190 11.30 8.40 -0.39
C MET A 190 11.77 9.85 -0.71
N ASN A 191 11.46 10.33 -1.93
CA ASN A 191 11.86 11.68 -2.39
C ASN A 191 10.73 12.71 -2.29
N GLN A 192 9.71 12.45 -1.43
CA GLN A 192 8.56 13.32 -1.19
C GLN A 192 7.69 13.61 -2.43
N HIS A 193 7.77 12.77 -3.47
CA HIS A 193 6.96 12.94 -4.67
C HIS A 193 5.77 12.00 -4.67
N VAL A 194 4.64 12.43 -5.26
CA VAL A 194 3.47 11.55 -5.38
C VAL A 194 3.82 10.36 -6.29
N ASN A 195 3.66 9.13 -5.75
CA ASN A 195 3.93 7.84 -6.39
C ASN A 195 3.10 7.67 -7.67
N ASN A 196 3.73 7.23 -8.78
CA ASN A 196 3.00 7.02 -10.04
C ASN A 196 1.83 6.05 -9.95
N VAL A 197 1.83 5.18 -8.92
CA VAL A 197 0.77 4.21 -8.70
C VAL A 197 -0.52 4.90 -8.24
N THR A 198 -0.40 6.01 -7.47
CA THR A 198 -1.52 6.81 -6.96
C THR A 198 -2.45 7.30 -8.09
N TYR A 199 -1.88 7.71 -9.23
CA TYR A 199 -2.64 8.18 -10.39
C TYR A 199 -3.51 7.05 -10.96
N ILE A 200 -3.04 5.80 -10.90
CA ILE A 200 -3.82 4.64 -11.34
C ILE A 200 -5.05 4.50 -10.46
N GLY A 201 -4.88 4.63 -9.14
CA GLY A 201 -6.00 4.59 -8.22
C GLY A 201 -7.03 5.68 -8.49
N TRP A 202 -6.57 6.95 -8.64
CA TRP A 202 -7.41 8.11 -8.94
C TRP A 202 -8.20 7.98 -10.24
N VAL A 203 -7.58 7.44 -11.31
CA VAL A 203 -8.29 7.18 -12.56
C VAL A 203 -9.45 6.17 -12.31
N LEU A 204 -9.18 5.10 -11.55
CA LEU A 204 -10.20 4.08 -11.26
C LEU A 204 -11.31 4.54 -10.29
N GLU A 205 -11.13 5.68 -9.61
CA GLU A 205 -12.11 6.23 -8.68
C GLU A 205 -13.41 6.66 -9.40
N SER A 206 -13.30 7.07 -10.68
CA SER A 206 -14.50 7.53 -11.39
C SER A 206 -15.17 6.45 -12.25
N ILE A 207 -14.68 5.18 -12.20
CA ILE A 207 -15.33 4.07 -12.90
C ILE A 207 -16.61 3.76 -12.10
N PRO A 208 -17.78 3.62 -12.73
CA PRO A 208 -19.00 3.32 -11.96
C PRO A 208 -18.90 2.06 -11.10
N GLN A 209 -19.57 2.08 -9.93
CA GLN A 209 -19.54 0.96 -8.99
C GLN A 209 -20.05 -0.37 -9.60
N GLU A 210 -21.04 -0.32 -10.50
CA GLU A 210 -21.59 -1.51 -11.13
C GLU A 210 -20.53 -2.25 -11.95
N ILE A 211 -19.69 -1.48 -12.67
CA ILE A 211 -18.62 -2.06 -13.48
C ILE A 211 -17.58 -2.70 -12.60
N VAL A 212 -17.21 -2.04 -11.52
CA VAL A 212 -16.23 -2.52 -10.54
C VAL A 212 -16.65 -3.88 -9.91
N ASP A 213 -17.94 -4.02 -9.57
CA ASP A 213 -18.52 -5.19 -8.92
C ASP A 213 -18.70 -6.42 -9.83
N THR A 214 -18.90 -6.19 -11.14
CA THR A 214 -19.17 -7.30 -12.08
C THR A 214 -18.06 -7.53 -13.12
N HIS A 215 -17.09 -6.62 -13.23
CA HIS A 215 -16.04 -6.75 -14.23
C HIS A 215 -14.63 -6.77 -13.60
N GLU A 216 -13.63 -7.19 -14.39
CA GLU A 216 -12.20 -7.17 -14.07
C GLU A 216 -11.53 -6.32 -15.14
N LEU A 217 -10.54 -5.52 -14.74
CA LEU A 217 -9.83 -4.67 -15.69
C LEU A 217 -8.91 -5.59 -16.51
N GLN A 218 -9.02 -5.51 -17.83
CA GLN A 218 -8.15 -6.31 -18.71
C GLN A 218 -6.98 -5.45 -19.22
N VAL A 219 -7.21 -4.19 -19.65
CA VAL A 219 -6.16 -3.30 -20.16
C VAL A 219 -6.24 -1.90 -19.54
N ILE A 220 -5.07 -1.27 -19.30
CA ILE A 220 -4.95 0.11 -18.83
C ILE A 220 -3.76 0.81 -19.51
N THR A 221 -4.03 1.91 -20.21
CA THR A 221 -3.01 2.74 -20.85
C THR A 221 -3.09 4.12 -20.18
N LEU A 222 -2.01 4.58 -19.58
CA LEU A 222 -1.97 5.85 -18.87
C LEU A 222 -0.82 6.74 -19.36
N ASP A 223 -1.16 7.94 -19.86
CA ASP A 223 -0.22 8.98 -20.28
C ASP A 223 -0.01 9.97 -19.11
N TYR A 224 1.24 10.26 -18.76
CA TYR A 224 1.59 11.18 -17.68
C TYR A 224 1.97 12.54 -18.32
N ARG A 225 1.31 13.63 -17.90
CA ARG A 225 1.56 14.95 -18.50
C ARG A 225 2.20 15.92 -17.53
N ARG A 226 1.84 15.81 -16.26
CA ARG A 226 2.31 16.73 -15.24
C ARG A 226 2.31 16.04 -13.89
N GLU A 227 3.27 16.40 -13.03
CA GLU A 227 3.34 15.86 -11.68
C GLU A 227 2.30 16.58 -10.77
N CYS A 228 1.72 15.85 -9.81
CA CYS A 228 0.76 16.39 -8.85
C CYS A 228 1.55 16.62 -7.54
N GLN A 229 1.48 17.84 -6.99
CA GLN A 229 2.16 18.18 -5.74
C GLN A 229 1.32 17.69 -4.56
N GLN A 230 1.94 17.68 -3.35
CA GLN A 230 1.34 17.25 -2.09
C GLN A 230 0.09 18.09 -1.73
N ASP A 231 0.09 19.38 -2.06
CA ASP A 231 -1.03 20.29 -1.78
C ASP A 231 -1.97 20.53 -2.98
N ASP A 232 -1.89 19.69 -4.01
CA ASP A 232 -2.78 19.80 -5.18
C ASP A 232 -4.06 18.95 -4.97
N VAL A 233 -5.17 19.34 -5.57
CA VAL A 233 -6.47 18.64 -5.51
C VAL A 233 -6.83 18.24 -6.94
N VAL A 234 -7.23 17.00 -7.16
CA VAL A 234 -7.48 16.45 -8.49
C VAL A 234 -8.94 15.98 -8.71
N ASP A 235 -9.46 16.14 -9.94
CA ASP A 235 -10.78 15.63 -10.34
C ASP A 235 -10.54 14.45 -11.29
N SER A 236 -11.23 13.34 -11.08
CA SER A 236 -11.12 12.15 -11.93
C SER A 236 -12.36 12.05 -12.86
N LEU A 237 -12.15 12.08 -14.17
CA LEU A 237 -13.25 12.09 -15.13
C LEU A 237 -13.26 10.83 -16.03
N THR A 238 -14.44 10.24 -16.27
CA THR A 238 -14.57 9.04 -17.09
C THR A 238 -15.80 9.11 -18.00
N THR A 239 -15.68 8.62 -19.25
CA THR A 239 -16.77 8.52 -20.20
C THR A 239 -16.64 7.18 -20.93
N THR A 240 -17.75 6.45 -21.07
CA THR A 240 -17.74 5.16 -21.75
C THR A 240 -17.52 5.40 -23.23
N THR A 241 -16.59 4.69 -23.86
CA THR A 241 -16.37 4.82 -25.31
C THR A 241 -16.86 3.59 -26.08
N SER A 242 -17.41 2.58 -25.40
CA SER A 242 -17.96 1.38 -26.04
C SER A 242 -19.50 1.46 -26.07
N ASN A 259 -19.97 -7.16 -24.70
CA ASN A 259 -19.39 -7.91 -23.59
C ASN A 259 -18.28 -7.13 -22.86
N ASP A 260 -17.50 -6.33 -23.61
CA ASP A 260 -16.40 -5.58 -23.01
C ASP A 260 -16.70 -4.08 -22.93
N SER A 261 -16.33 -3.44 -21.83
CA SER A 261 -16.53 -2.00 -21.66
C SER A 261 -15.21 -1.23 -21.80
N GLN A 262 -15.25 -0.10 -22.50
CA GLN A 262 -14.08 0.74 -22.69
C GLN A 262 -14.39 2.11 -22.11
N PHE A 263 -13.38 2.77 -21.54
CA PHE A 263 -13.55 4.10 -20.98
C PHE A 263 -12.42 5.01 -21.39
N LEU A 264 -12.71 6.28 -21.52
CA LEU A 264 -11.71 7.32 -21.74
C LEU A 264 -11.63 8.03 -20.39
N HIS A 265 -10.43 8.31 -19.90
CA HIS A 265 -10.21 8.92 -18.59
C HIS A 265 -9.43 10.21 -18.68
N LEU A 266 -9.63 11.10 -17.69
CA LEU A 266 -8.88 12.33 -17.58
C LEU A 266 -8.69 12.75 -16.12
N LEU A 267 -7.44 12.96 -15.70
CA LEU A 267 -7.14 13.51 -14.38
C LEU A 267 -6.74 14.99 -14.60
N ARG A 268 -7.35 15.92 -13.89
CA ARG A 268 -7.02 17.34 -14.01
C ARG A 268 -7.07 18.04 -12.66
N LEU A 269 -6.36 19.16 -12.50
CA LEU A 269 -6.37 19.89 -11.23
C LEU A 269 -7.75 20.46 -10.99
N SER A 270 -8.27 20.30 -9.77
CA SER A 270 -9.61 20.68 -9.34
C SER A 270 -9.94 22.15 -9.57
N GLY A 271 -8.92 22.99 -9.59
CA GLY A 271 -9.11 24.41 -9.78
C GLY A 271 -9.10 24.85 -11.23
N ASP A 272 -7.88 25.09 -11.75
CA ASP A 272 -7.72 25.58 -13.11
C ASP A 272 -8.01 24.54 -14.21
N GLY A 273 -8.18 23.28 -13.86
CA GLY A 273 -8.45 22.24 -14.83
C GLY A 273 -7.24 21.86 -15.67
N GLN A 274 -6.02 22.09 -15.13
CA GLN A 274 -4.76 21.76 -15.79
C GLN A 274 -4.62 20.24 -15.82
N GLU A 275 -4.44 19.67 -17.00
CA GLU A 275 -4.33 18.22 -17.18
C GLU A 275 -3.09 17.62 -16.51
N ILE A 276 -3.26 16.54 -15.76
CA ILE A 276 -2.13 15.85 -15.18
C ILE A 276 -1.94 14.46 -15.86
N ASN A 277 -3.06 13.81 -16.29
CA ASN A 277 -3.05 12.49 -16.94
C ASN A 277 -4.24 12.27 -17.84
N ARG A 278 -4.07 11.43 -18.84
CA ARG A 278 -5.15 10.96 -19.70
C ARG A 278 -4.95 9.43 -19.91
N GLY A 279 -6.03 8.69 -20.13
CA GLY A 279 -5.92 7.25 -20.30
C GLY A 279 -7.15 6.54 -20.82
N THR A 280 -7.03 5.22 -21.00
CA THR A 280 -8.10 4.34 -21.44
C THR A 280 -8.04 3.05 -20.63
N THR A 281 -9.22 2.49 -20.31
CA THR A 281 -9.32 1.18 -19.64
C THR A 281 -10.28 0.28 -20.42
N LEU A 282 -9.99 -1.03 -20.42
CA LEU A 282 -10.83 -2.02 -21.07
C LEU A 282 -11.16 -3.04 -19.99
N TRP A 283 -12.45 -3.32 -19.78
CA TRP A 283 -12.91 -4.22 -18.72
C TRP A 283 -13.66 -5.40 -19.31
N ARG A 284 -13.46 -6.61 -18.73
CA ARG A 284 -14.14 -7.84 -19.14
C ARG A 284 -15.08 -8.35 -18.03
N LYS A 285 -16.25 -8.86 -18.42
CA LYS A 285 -17.27 -9.41 -17.52
C LYS A 285 -16.69 -10.60 -16.72
N LYS A 286 -16.88 -10.64 -15.37
CA LYS A 286 -16.34 -11.73 -14.55
C LYS A 286 -16.96 -13.07 -14.96
N GLY B 2 7.04 -18.51 6.32
CA GLY B 2 6.47 -18.40 7.65
C GLY B 2 6.09 -19.75 8.21
N SER B 3 6.07 -19.87 9.54
CA SER B 3 5.72 -21.15 10.17
C SER B 3 5.37 -21.00 11.63
N LEU B 4 4.58 -21.96 12.13
CA LEU B 4 4.29 -22.05 13.55
C LEU B 4 5.59 -22.50 14.23
N THR B 5 5.82 -22.05 15.46
CA THR B 5 6.99 -22.47 16.22
C THR B 5 6.84 -23.94 16.71
N GLU B 6 7.87 -24.52 17.35
CA GLU B 6 7.85 -25.91 17.79
C GLU B 6 6.62 -26.30 18.63
N ASP B 7 6.20 -25.42 19.56
CA ASP B 7 5.06 -25.76 20.41
C ASP B 7 3.68 -25.54 19.76
N GLY B 8 3.65 -24.97 18.54
CA GLY B 8 2.44 -24.66 17.81
C GLY B 8 1.60 -23.57 18.45
N LEU B 9 2.17 -22.83 19.45
CA LEU B 9 1.45 -21.78 20.17
C LEU B 9 1.76 -20.34 19.73
N SER B 10 2.62 -20.16 18.72
CA SER B 10 2.93 -18.86 18.10
C SER B 10 3.40 -19.08 16.65
N TYR B 11 3.47 -18.02 15.87
CA TYR B 11 3.83 -18.10 14.46
C TYR B 11 4.91 -17.06 14.16
N LYS B 12 5.88 -17.40 13.31
CA LYS B 12 6.94 -16.47 12.93
C LYS B 12 7.06 -16.37 11.44
N GLU B 13 7.34 -15.17 10.93
CA GLU B 13 7.56 -14.98 9.50
C GLU B 13 8.56 -13.84 9.26
N LYS B 14 9.37 -13.97 8.20
CA LYS B 14 10.34 -12.96 7.78
C LYS B 14 9.77 -12.23 6.57
N PHE B 15 9.89 -10.90 6.55
CA PHE B 15 9.38 -10.08 5.46
C PHE B 15 10.44 -9.14 4.91
N VAL B 16 10.56 -9.04 3.58
CA VAL B 16 11.46 -8.06 2.98
C VAL B 16 10.67 -6.73 2.90
N VAL B 17 11.33 -5.60 3.20
CA VAL B 17 10.66 -4.29 3.07
C VAL B 17 10.75 -3.85 1.58
N ARG B 18 9.60 -3.76 0.89
CA ARG B 18 9.58 -3.40 -0.53
C ARG B 18 9.65 -1.88 -0.78
N SER B 19 10.07 -1.47 -1.99
CA SER B 19 10.26 -0.06 -2.39
C SER B 19 9.02 0.78 -2.19
N TYR B 20 7.85 0.24 -2.55
CA TYR B 20 6.59 0.98 -2.36
C TYR B 20 6.13 1.04 -0.88
N GLU B 21 6.86 0.40 0.02
CA GLU B 21 6.53 0.40 1.44
C GLU B 21 7.37 1.39 2.29
N VAL B 22 8.31 2.11 1.65
CA VAL B 22 9.17 3.07 2.32
C VAL B 22 8.67 4.49 2.06
N GLY B 23 8.72 5.32 3.08
CA GLY B 23 8.22 6.68 2.98
C GLY B 23 9.28 7.75 2.91
N SER B 24 8.82 9.01 3.07
CA SER B 24 9.64 10.24 3.05
C SER B 24 10.87 10.15 3.94
N ASN B 25 10.78 9.36 5.03
CA ASN B 25 11.86 9.14 6.01
C ASN B 25 13.00 8.26 5.51
N LYS B 26 12.89 7.70 4.29
CA LYS B 26 13.85 6.75 3.72
C LYS B 26 13.77 5.34 4.39
N THR B 27 12.74 5.10 5.23
CA THR B 27 12.50 3.83 5.93
C THR B 27 10.98 3.44 5.81
N ALA B 28 10.60 2.22 6.28
CA ALA B 28 9.22 1.79 6.34
C ALA B 28 8.39 2.78 7.18
N THR B 29 7.14 3.00 6.79
CA THR B 29 6.25 3.87 7.52
C THR B 29 5.57 3.08 8.65
N VAL B 30 4.86 3.79 9.55
CA VAL B 30 4.04 3.20 10.61
C VAL B 30 2.96 2.32 9.95
N GLU B 31 2.34 2.81 8.86
CA GLU B 31 1.37 2.06 8.08
C GLU B 31 1.97 0.78 7.48
N THR B 32 3.23 0.80 6.99
CA THR B 32 3.86 -0.42 6.48
C THR B 32 4.04 -1.44 7.59
N ILE B 33 4.46 -1.00 8.79
CA ILE B 33 4.64 -1.90 9.93
C ILE B 33 3.30 -2.58 10.27
N ALA B 34 2.20 -1.80 10.35
CA ALA B 34 0.84 -2.27 10.63
C ALA B 34 0.33 -3.27 9.59
N ASN B 35 0.68 -3.05 8.31
CA ASN B 35 0.34 -3.93 7.22
C ASN B 35 1.04 -5.27 7.45
N LEU B 36 2.32 -5.25 7.86
CA LEU B 36 3.12 -6.45 8.13
C LEU B 36 2.58 -7.20 9.35
N LEU B 37 2.08 -6.49 10.36
CA LEU B 37 1.46 -7.13 11.52
C LEU B 37 0.17 -7.86 11.11
N GLN B 38 -0.62 -7.25 10.23
CA GLN B 38 -1.86 -7.84 9.75
C GLN B 38 -1.56 -9.12 8.96
N GLU B 39 -0.56 -9.06 8.03
CA GLU B 39 -0.16 -10.18 7.19
C GLU B 39 0.31 -11.38 8.02
N VAL B 40 1.12 -11.14 9.07
CA VAL B 40 1.61 -12.24 9.89
C VAL B 40 0.44 -12.83 10.74
N GLY B 41 -0.50 -11.99 11.15
CA GLY B 41 -1.70 -12.41 11.89
C GLY B 41 -2.62 -13.28 11.05
N CYS B 42 -2.76 -12.95 9.76
CA CYS B 42 -3.58 -13.68 8.82
C CYS B 42 -2.96 -15.04 8.54
N ASN B 43 -1.64 -15.08 8.34
CA ASN B 43 -0.91 -16.33 8.08
C ASN B 43 -0.95 -17.27 9.31
N HIS B 44 -0.92 -16.72 10.54
CA HIS B 44 -1.06 -17.51 11.77
C HIS B 44 -2.44 -18.17 11.83
N ALA B 45 -3.53 -17.41 11.60
CA ALA B 45 -4.89 -17.97 11.61
C ALA B 45 -5.08 -19.02 10.50
N GLN B 46 -4.47 -18.81 9.32
CA GLN B 46 -4.58 -19.76 8.22
C GLN B 46 -3.85 -21.07 8.55
N SER B 47 -2.66 -20.97 9.17
CA SER B 47 -1.84 -22.12 9.52
C SER B 47 -2.50 -23.06 10.52
N VAL B 48 -3.58 -22.62 11.20
CA VAL B 48 -4.33 -23.45 12.14
C VAL B 48 -5.81 -23.64 11.69
N GLY B 49 -6.08 -23.51 10.39
CA GLY B 49 -7.38 -23.76 9.80
C GLY B 49 -8.48 -22.72 9.86
N PHE B 50 -8.15 -21.43 10.01
CA PHE B 50 -9.18 -20.39 10.04
C PHE B 50 -9.33 -19.73 8.66
N ALA B 56 -10.56 -14.13 12.09
CA ALA B 56 -10.28 -15.49 12.56
C ALA B 56 -11.53 -16.06 13.23
N THR B 57 -12.54 -16.30 12.39
CA THR B 57 -13.86 -16.78 12.77
C THR B 57 -13.96 -18.30 12.83
N THR B 58 -14.37 -18.86 13.98
CA THR B 58 -14.59 -20.31 14.07
C THR B 58 -15.93 -20.62 13.36
N THR B 59 -16.20 -21.90 13.01
CA THR B 59 -17.44 -22.26 12.34
C THR B 59 -18.66 -22.01 13.24
N THR B 60 -18.48 -22.01 14.58
CA THR B 60 -19.55 -21.64 15.50
C THR B 60 -19.85 -20.13 15.35
N MET B 61 -18.80 -19.26 15.33
CA MET B 61 -19.04 -17.82 15.15
C MET B 61 -19.72 -17.53 13.81
N ARG B 62 -19.34 -18.27 12.76
CA ARG B 62 -19.88 -18.13 11.41
C ARG B 62 -21.39 -18.36 11.38
N LYS B 63 -21.87 -19.36 12.12
CA LYS B 63 -23.27 -19.72 12.20
C LYS B 63 -24.09 -18.62 12.86
N LEU B 64 -23.53 -18.01 13.91
CA LEU B 64 -24.23 -16.99 14.66
C LEU B 64 -24.01 -15.55 14.15
N HIS B 65 -23.23 -15.39 13.06
CA HIS B 65 -22.88 -14.13 12.43
C HIS B 65 -21.99 -13.26 13.31
N LEU B 66 -21.11 -13.90 14.10
CA LEU B 66 -20.16 -13.18 14.95
C LEU B 66 -18.80 -13.04 14.30
N ILE B 67 -18.14 -11.89 14.52
CA ILE B 67 -16.80 -11.55 14.05
C ILE B 67 -15.97 -10.90 15.16
N TRP B 68 -14.63 -10.99 15.02
CA TRP B 68 -13.73 -10.33 15.94
C TRP B 68 -13.43 -8.95 15.38
N VAL B 69 -13.54 -7.92 16.19
CA VAL B 69 -13.29 -6.55 15.75
C VAL B 69 -12.18 -5.92 16.63
N THR B 70 -11.30 -5.07 16.05
CA THR B 70 -10.26 -4.43 16.85
C THR B 70 -10.89 -3.32 17.68
N ALA B 71 -10.62 -3.30 18.98
CA ALA B 71 -11.08 -2.23 19.87
C ALA B 71 -9.88 -1.31 20.15
N ARG B 72 -8.68 -1.88 20.33
CA ARG B 72 -7.49 -1.09 20.62
C ARG B 72 -6.24 -1.68 19.92
N MET B 73 -5.36 -0.81 19.42
CA MET B 73 -4.10 -1.21 18.78
C MET B 73 -3.01 -0.32 19.41
N HIS B 74 -1.90 -0.92 19.84
CA HIS B 74 -0.81 -0.18 20.44
C HIS B 74 0.49 -0.66 19.82
N ILE B 75 1.25 0.24 19.17
CA ILE B 75 2.52 -0.13 18.54
C ILE B 75 3.66 0.75 19.04
N GLU B 76 4.82 0.13 19.29
N GLU B 76 4.83 0.13 19.30
N GLU B 76 4.82 0.13 19.29
CA GLU B 76 6.01 0.86 19.70
CA GLU B 76 6.03 0.85 19.71
CA GLU B 76 6.01 0.86 19.70
C GLU B 76 7.17 0.44 18.81
C GLU B 76 7.15 0.43 18.78
C GLU B 76 7.17 0.44 18.81
N ILE B 77 7.81 1.39 18.12
CA ILE B 77 8.94 1.10 17.21
C ILE B 77 10.21 1.79 17.67
N TYR B 78 11.28 1.02 17.87
CA TYR B 78 12.59 1.53 18.30
C TYR B 78 13.49 1.81 17.09
N LYS B 79 13.34 1.03 16.02
CA LYS B 79 14.14 1.17 14.81
C LYS B 79 13.31 0.77 13.58
N TYR B 80 13.20 1.67 12.61
CA TYR B 80 12.44 1.38 11.39
C TYR B 80 13.33 0.73 10.33
N PRO B 81 12.89 -0.40 9.75
CA PRO B 81 13.69 -1.03 8.69
C PRO B 81 13.74 -0.20 7.39
N ALA B 82 14.88 -0.24 6.71
CA ALA B 82 15.08 0.45 5.45
C ALA B 82 14.65 -0.48 4.26
N TRP B 83 14.56 0.06 3.01
CA TRP B 83 14.24 -0.71 1.81
C TRP B 83 15.21 -1.91 1.67
N GLY B 84 14.66 -3.11 1.48
CA GLY B 84 15.47 -4.30 1.33
C GLY B 84 15.82 -5.01 2.62
N ASP B 85 15.57 -4.38 3.78
CA ASP B 85 15.84 -5.03 5.07
C ASP B 85 14.83 -6.14 5.35
N VAL B 86 15.25 -7.19 6.08
CA VAL B 86 14.36 -8.29 6.41
C VAL B 86 13.93 -8.16 7.89
N VAL B 87 12.61 -8.14 8.15
CA VAL B 87 12.11 -8.02 9.50
C VAL B 87 11.48 -9.37 9.93
N GLU B 88 11.84 -9.89 11.11
CA GLU B 88 11.25 -11.14 11.58
C GLU B 88 10.18 -10.82 12.62
N ILE B 89 8.93 -11.24 12.38
CA ILE B 89 7.84 -10.95 13.30
C ILE B 89 7.26 -12.20 13.93
N GLU B 90 7.17 -12.24 15.27
CA GLU B 90 6.56 -13.38 15.96
C GLU B 90 5.21 -12.93 16.54
N THR B 91 4.13 -13.66 16.25
CA THR B 91 2.81 -13.30 16.75
C THR B 91 2.11 -14.47 17.51
N TRP B 92 1.27 -14.13 18.48
CA TRP B 92 0.52 -15.12 19.24
C TRP B 92 -0.78 -14.50 19.75
N CYS B 93 -1.73 -15.35 20.14
CA CYS B 93 -3.03 -14.90 20.66
C CYS B 93 -3.23 -15.34 22.08
N GLN B 94 -4.16 -14.69 22.78
CA GLN B 94 -4.48 -15.08 24.13
C GLN B 94 -5.90 -14.68 24.48
N SER B 95 -6.57 -15.51 25.25
CA SER B 95 -7.92 -15.24 25.70
C SER B 95 -7.85 -14.29 26.89
N GLU B 96 -8.82 -13.38 27.00
CA GLU B 96 -8.89 -12.44 28.12
C GLU B 96 -10.25 -12.59 28.80
N GLY B 97 -10.59 -13.83 29.13
CA GLY B 97 -11.86 -14.15 29.76
C GLY B 97 -13.01 -13.85 28.83
N ARG B 98 -14.12 -13.35 29.38
CA ARG B 98 -15.31 -13.00 28.57
C ARG B 98 -15.16 -11.67 27.82
N ILE B 99 -14.16 -10.86 28.17
CA ILE B 99 -13.93 -9.54 27.59
C ILE B 99 -13.58 -9.63 26.08
N GLY B 100 -12.70 -10.55 25.73
CA GLY B 100 -12.31 -10.72 24.34
C GLY B 100 -10.98 -11.41 24.19
N THR B 101 -10.29 -11.16 23.08
CA THR B 101 -9.00 -11.75 22.76
C THR B 101 -7.92 -10.68 22.63
N ARG B 102 -6.68 -11.09 22.73
CA ARG B 102 -5.55 -10.21 22.55
C ARG B 102 -4.59 -10.84 21.54
N ARG B 103 -4.03 -10.03 20.63
CA ARG B 103 -2.99 -10.52 19.75
C ARG B 103 -1.75 -9.67 20.00
N ASP B 104 -0.59 -10.31 20.21
CA ASP B 104 0.65 -9.59 20.44
C ASP B 104 1.69 -9.89 19.37
N TRP B 105 2.63 -8.97 19.20
CA TRP B 105 3.68 -9.15 18.20
C TRP B 105 5.02 -8.67 18.75
N ILE B 106 6.11 -9.30 18.27
CA ILE B 106 7.48 -8.90 18.57
C ILE B 106 8.14 -8.76 17.21
N LEU B 107 8.76 -7.60 16.94
N LEU B 107 8.75 -7.60 16.94
N LEU B 107 8.76 -7.60 16.94
CA LEU B 107 9.45 -7.34 15.69
CA LEU B 107 9.45 -7.35 15.69
CA LEU B 107 9.45 -7.34 15.69
C LEU B 107 10.95 -7.39 15.95
C LEU B 107 10.94 -7.40 15.95
C LEU B 107 10.95 -7.39 15.95
N LYS B 108 11.70 -8.11 15.10
CA LYS B 108 13.15 -8.23 15.27
C LYS B 108 13.93 -7.93 13.98
N ASP B 109 15.19 -7.54 14.12
CA ASP B 109 16.07 -7.37 12.98
C ASP B 109 16.58 -8.79 12.70
N SER B 110 16.40 -9.26 11.46
CA SER B 110 16.85 -10.61 11.09
C SER B 110 18.36 -10.82 11.22
N VAL B 111 19.17 -9.78 11.02
CA VAL B 111 20.62 -9.92 11.08
C VAL B 111 21.17 -9.90 12.52
N THR B 112 20.71 -8.97 13.35
CA THR B 112 21.22 -8.80 14.70
C THR B 112 20.43 -9.57 15.77
N GLY B 113 19.18 -9.93 15.48
CA GLY B 113 18.31 -10.61 16.43
C GLY B 113 17.73 -9.69 17.50
N GLU B 114 18.03 -8.39 17.44
CA GLU B 114 17.52 -7.42 18.40
C GLU B 114 16.08 -7.00 18.13
N VAL B 115 15.33 -6.76 19.23
CA VAL B 115 13.94 -6.30 19.17
C VAL B 115 13.89 -4.86 18.65
N THR B 116 13.29 -4.66 17.47
CA THR B 116 13.16 -3.34 16.88
C THR B 116 11.75 -2.73 17.07
N GLY B 117 10.83 -3.50 17.64
CA GLY B 117 9.47 -3.05 17.88
C GLY B 117 8.59 -4.09 18.54
N ARG B 118 7.45 -3.66 19.07
N ARG B 118 7.45 -3.66 19.07
N ARG B 118 7.45 -3.66 19.07
CA ARG B 118 6.48 -4.57 19.68
CA ARG B 118 6.48 -4.57 19.68
CA ARG B 118 6.48 -4.56 19.68
C ARG B 118 5.07 -4.01 19.61
C ARG B 118 5.07 -4.01 19.61
C ARG B 118 5.07 -4.00 19.59
N ALA B 119 4.07 -4.88 19.53
CA ALA B 119 2.68 -4.44 19.41
C ALA B 119 1.68 -5.30 20.15
N THR B 120 0.53 -4.72 20.48
CA THR B 120 -0.54 -5.45 21.14
C THR B 120 -1.90 -4.91 20.62
N SER B 121 -2.93 -5.77 20.63
CA SER B 121 -4.24 -5.36 20.16
C SER B 121 -5.34 -6.06 20.95
N LYS B 122 -6.43 -5.36 21.26
CA LYS B 122 -7.58 -5.92 21.98
C LYS B 122 -8.69 -6.15 20.97
N TRP B 123 -9.23 -7.36 20.91
CA TRP B 123 -10.28 -7.69 19.99
C TRP B 123 -11.54 -8.07 20.76
N VAL B 124 -12.69 -7.59 20.31
CA VAL B 124 -13.98 -7.90 20.95
C VAL B 124 -14.90 -8.61 19.98
N MET B 125 -15.84 -9.38 20.52
CA MET B 125 -16.80 -10.13 19.73
C MET B 125 -17.98 -9.21 19.35
N MET B 126 -18.45 -9.31 18.09
CA MET B 126 -19.54 -8.46 17.60
C MET B 126 -20.39 -9.20 16.53
N ASN B 127 -21.69 -8.90 16.45
CA ASN B 127 -22.58 -9.46 15.43
C ASN B 127 -22.36 -8.58 14.22
N GLN B 128 -21.89 -9.14 13.09
CA GLN B 128 -21.59 -8.33 11.90
C GLN B 128 -22.78 -7.56 11.32
N ASP B 129 -24.01 -7.98 11.64
CA ASP B 129 -25.21 -7.34 11.11
C ASP B 129 -25.74 -6.23 12.01
N THR B 130 -25.97 -6.52 13.30
CA THR B 130 -26.49 -5.51 14.23
C THR B 130 -25.43 -4.57 14.79
N ARG B 131 -24.16 -4.99 14.76
CA ARG B 131 -23.01 -4.29 15.33
C ARG B 131 -23.02 -4.29 16.86
N ARG B 132 -23.75 -5.22 17.48
CA ARG B 132 -23.84 -5.32 18.93
C ARG B 132 -22.75 -6.17 19.58
N LEU B 133 -22.08 -5.62 20.60
CA LEU B 133 -21.07 -6.30 21.43
C LEU B 133 -21.80 -7.42 22.15
N GLN B 134 -21.22 -8.64 22.25
CA GLN B 134 -21.98 -9.73 22.85
C GLN B 134 -21.31 -10.51 23.98
N LYS B 135 -20.02 -10.28 24.25
CA LYS B 135 -19.24 -11.01 25.28
C LYS B 135 -19.01 -12.47 24.85
N VAL B 136 -17.82 -12.99 25.15
CA VAL B 136 -17.41 -14.30 24.66
C VAL B 136 -18.06 -15.49 25.38
N SER B 137 -18.73 -16.36 24.62
CA SER B 137 -19.37 -17.56 25.15
C SER B 137 -18.34 -18.63 25.58
N ASP B 138 -18.79 -19.67 26.29
CA ASP B 138 -17.89 -20.73 26.74
C ASP B 138 -17.55 -21.65 25.56
N ASP B 139 -18.51 -21.90 24.64
CA ASP B 139 -18.30 -22.74 23.46
C ASP B 139 -17.18 -22.16 22.61
N VAL B 140 -17.27 -20.86 22.34
CA VAL B 140 -16.24 -20.12 21.63
C VAL B 140 -15.24 -19.73 22.69
N ARG B 141 -14.21 -20.53 22.88
CA ARG B 141 -13.15 -20.38 23.87
C ARG B 141 -12.39 -21.68 23.87
N ASP B 142 -13.09 -22.80 24.04
CA ASP B 142 -12.45 -24.12 24.01
C ASP B 142 -11.95 -24.48 22.60
N GLU B 143 -12.45 -23.79 21.56
CA GLU B 143 -12.03 -24.01 20.19
C GLU B 143 -10.83 -23.13 19.82
N TYR B 144 -10.63 -21.97 20.48
CA TYR B 144 -9.44 -21.17 20.18
C TYR B 144 -8.36 -21.25 21.29
N LEU B 145 -8.68 -21.80 22.47
CA LEU B 145 -7.68 -21.92 23.53
C LEU B 145 -6.59 -22.94 23.22
N VAL B 146 -6.90 -23.95 22.41
CA VAL B 146 -5.91 -24.95 22.01
C VAL B 146 -4.77 -24.35 21.15
N PHE B 147 -4.96 -23.13 20.60
CA PHE B 147 -3.96 -22.44 19.78
C PHE B 147 -3.26 -21.29 20.52
N CYS B 148 -3.53 -21.10 21.81
CA CYS B 148 -3.01 -20.00 22.59
C CYS B 148 -2.15 -20.51 23.73
N PRO B 149 -1.07 -19.78 24.11
CA PRO B 149 -0.30 -20.18 25.31
C PRO B 149 -1.19 -20.09 26.55
N GLN B 150 -1.01 -21.01 27.47
CA GLN B 150 -1.83 -21.09 28.69
C GLN B 150 -1.37 -20.11 29.79
N GLU B 151 -0.07 -20.08 30.08
CA GLU B 151 0.49 -19.08 31.00
C GLU B 151 0.49 -17.73 30.27
N PRO B 152 0.24 -16.59 30.95
CA PRO B 152 0.24 -15.29 30.24
C PRO B 152 1.55 -15.00 29.53
N ARG B 153 1.47 -14.53 28.28
CA ARG B 153 2.62 -14.17 27.47
C ARG B 153 2.35 -12.78 26.88
N LEU B 154 2.95 -11.75 27.47
CA LEU B 154 2.68 -10.38 27.06
C LEU B 154 3.82 -9.68 26.35
N ALA B 155 3.53 -9.05 25.21
CA ALA B 155 4.51 -8.23 24.51
C ALA B 155 4.85 -6.99 25.38
N PHE B 156 3.87 -6.48 26.17
CA PHE B 156 4.01 -5.36 27.10
C PHE B 156 3.71 -5.84 28.53
N PRO B 157 4.67 -6.53 29.17
CA PRO B 157 4.39 -7.10 30.49
C PRO B 157 4.25 -6.09 31.63
N GLU B 158 5.09 -5.05 31.65
CA GLU B 158 5.12 -3.97 32.67
C GLU B 158 3.75 -3.63 33.29
N GLU B 159 3.61 -3.85 34.62
CA GLU B 159 2.35 -3.63 35.37
C GLU B 159 1.91 -2.16 35.33
N ASN B 160 0.91 -1.88 34.47
CA ASN B 160 0.37 -0.54 34.19
C ASN B 160 1.43 0.33 33.45
N ASN B 161 1.57 0.07 32.13
CA ASN B 161 2.50 0.70 31.20
C ASN B 161 1.75 1.64 30.18
N ARG B 162 2.28 1.87 28.96
CA ARG B 162 1.65 2.75 27.97
C ARG B 162 0.40 2.19 27.28
N SER B 163 0.38 0.86 27.02
CA SER B 163 -0.69 0.20 26.28
C SER B 163 -2.04 0.09 26.97
N LEU B 164 -2.11 0.41 28.29
CA LEU B 164 -3.35 0.29 29.07
C LEU B 164 -3.84 1.64 29.63
N LYS B 165 -3.35 2.76 29.06
CA LYS B 165 -3.72 4.12 29.50
C LYS B 165 -4.99 4.58 28.79
N LYS B 166 -6.00 5.06 29.55
CA LYS B 166 -7.26 5.55 28.99
C LYS B 166 -7.06 6.83 28.19
N ILE B 167 -7.53 6.87 26.94
CA ILE B 167 -7.37 8.04 26.08
C ILE B 167 -8.54 9.02 26.20
N PRO B 168 -8.25 10.28 26.58
CA PRO B 168 -9.32 11.28 26.70
C PRO B 168 -9.80 11.81 25.35
N LYS B 169 -10.96 12.47 25.34
CA LYS B 169 -11.51 13.02 24.11
C LYS B 169 -10.98 14.45 23.89
N LEU B 170 -10.48 14.72 22.69
CA LEU B 170 -9.92 16.00 22.31
C LEU B 170 -11.00 17.09 22.39
N GLU B 171 -10.69 18.23 23.01
CA GLU B 171 -11.64 19.33 23.13
C GLU B 171 -11.43 20.35 22.01
N ASP B 172 -12.53 20.89 21.43
CA ASP B 172 -12.44 21.93 20.40
C ASP B 172 -12.06 23.26 21.09
N PRO B 173 -11.26 24.15 20.45
CA PRO B 173 -10.66 23.99 19.12
C PRO B 173 -9.40 23.10 19.10
N ALA B 174 -9.23 22.29 18.04
CA ALA B 174 -8.04 21.45 17.92
C ALA B 174 -6.89 22.33 17.49
N GLN B 175 -5.67 21.98 17.89
CA GLN B 175 -4.50 22.79 17.51
C GLN B 175 -4.21 22.62 16.01
N TYR B 176 -4.32 21.40 15.51
CA TYR B 176 -4.09 21.07 14.10
C TYR B 176 -5.27 20.27 13.53
N SER B 177 -5.47 20.33 12.21
CA SER B 177 -6.54 19.58 11.57
C SER B 177 -6.32 19.32 10.10
N MET B 178 -6.85 18.20 9.60
CA MET B 178 -6.86 17.85 8.20
C MET B 178 -8.29 17.41 7.90
N ILE B 179 -9.02 18.19 7.11
CA ILE B 179 -10.44 17.93 6.90
C ILE B 179 -10.75 17.37 5.50
N GLY B 180 -11.94 16.78 5.40
CA GLY B 180 -12.47 16.20 4.18
C GLY B 180 -11.77 14.97 3.68
N LEU B 181 -11.28 14.11 4.58
CA LEU B 181 -10.57 12.86 4.23
C LEU B 181 -11.57 11.77 3.83
N LYS B 182 -11.44 11.25 2.60
CA LYS B 182 -12.33 10.23 2.05
C LYS B 182 -11.56 8.97 1.75
N PRO B 183 -12.13 7.80 2.07
CA PRO B 183 -11.47 6.55 1.68
C PRO B 183 -11.57 6.30 0.16
N ARG B 184 -10.49 5.82 -0.43
CA ARG B 184 -10.52 5.44 -1.83
C ARG B 184 -10.84 3.93 -1.96
N ARG B 185 -11.16 3.46 -3.17
CA ARG B 185 -11.48 2.05 -3.37
C ARG B 185 -10.35 1.11 -2.97
N ALA B 186 -9.08 1.61 -2.94
CA ALA B 186 -7.89 0.87 -2.52
C ALA B 186 -7.84 0.68 -1.00
N ASP B 187 -8.45 1.59 -0.23
CA ASP B 187 -8.54 1.50 1.22
C ASP B 187 -9.55 0.44 1.72
N LEU B 188 -10.20 -0.30 0.80
CA LEU B 188 -11.16 -1.33 1.18
C LEU B 188 -10.54 -2.71 1.08
N ASP B 189 -10.89 -3.61 2.01
CA ASP B 189 -10.35 -4.98 2.00
C ASP B 189 -11.17 -5.93 1.09
N MET B 190 -10.93 -7.26 1.16
CA MET B 190 -11.66 -8.26 0.38
C MET B 190 -13.19 -8.26 0.68
N ASN B 191 -13.58 -7.79 1.89
CA ASN B 191 -14.98 -7.74 2.31
C ASN B 191 -15.60 -6.36 2.18
N GLN B 192 -15.04 -5.49 1.33
CA GLN B 192 -15.51 -4.12 1.05
C GLN B 192 -15.54 -3.19 2.28
N HIS B 193 -14.77 -3.51 3.33
CA HIS B 193 -14.72 -2.66 4.52
C HIS B 193 -13.45 -1.82 4.52
N VAL B 194 -13.52 -0.59 5.08
CA VAL B 194 -12.33 0.25 5.22
C VAL B 194 -11.33 -0.45 6.18
N ASN B 195 -10.11 -0.75 5.69
CA ASN B 195 -9.14 -1.47 6.50
C ASN B 195 -8.61 -0.62 7.64
N ASN B 196 -8.36 -1.26 8.76
CA ASN B 196 -7.94 -0.60 9.99
C ASN B 196 -6.65 0.19 9.89
N VAL B 197 -5.82 -0.10 8.87
CA VAL B 197 -4.55 0.61 8.66
C VAL B 197 -4.81 2.04 8.17
N THR B 198 -5.89 2.25 7.38
CA THR B 198 -6.30 3.56 6.84
C THR B 198 -6.49 4.62 7.93
N TYR B 199 -7.08 4.21 9.08
CA TYR B 199 -7.29 5.10 10.22
C TYR B 199 -5.95 5.60 10.80
N ILE B 200 -4.91 4.76 10.76
CA ILE B 200 -3.57 5.14 11.22
C ILE B 200 -3.04 6.26 10.32
N GLY B 201 -3.20 6.12 9.01
CA GLY B 201 -2.80 7.14 8.05
C GLY B 201 -3.52 8.46 8.29
N TRP B 202 -4.86 8.42 8.44
CA TRP B 202 -5.73 9.58 8.70
C TRP B 202 -5.37 10.32 9.99
N VAL B 203 -5.06 9.59 11.08
CA VAL B 203 -4.61 10.21 12.32
C VAL B 203 -3.30 10.99 12.07
N LEU B 204 -2.33 10.39 11.34
CA LEU B 204 -1.05 11.03 11.06
C LEU B 204 -1.14 12.22 10.08
N GLU B 205 -2.27 12.38 9.36
CA GLU B 205 -2.46 13.46 8.41
C GLU B 205 -2.50 14.85 9.11
N SER B 206 -2.93 14.91 10.38
CA SER B 206 -3.01 16.19 11.07
C SER B 206 -1.79 16.51 11.94
N ILE B 207 -0.73 15.67 11.92
CA ILE B 207 0.51 15.96 12.64
C ILE B 207 1.21 17.06 11.82
N PRO B 208 1.71 18.14 12.44
CA PRO B 208 2.38 19.19 11.66
C PRO B 208 3.56 18.68 10.82
N GLN B 209 3.77 19.28 9.64
CA GLN B 209 4.84 18.90 8.73
C GLN B 209 6.24 18.99 9.36
N GLU B 210 6.45 20.00 10.24
CA GLU B 210 7.71 20.23 10.96
C GLU B 210 8.13 18.99 11.77
N ILE B 211 7.15 18.36 12.46
CA ILE B 211 7.37 17.19 13.29
C ILE B 211 7.66 15.97 12.44
N VAL B 212 6.93 15.80 11.34
CA VAL B 212 7.09 14.70 10.41
C VAL B 212 8.51 14.66 9.79
N ASP B 213 9.06 15.83 9.42
CA ASP B 213 10.36 16.00 8.78
C ASP B 213 11.57 15.81 9.71
N THR B 214 11.41 16.10 11.01
CA THR B 214 12.53 16.03 11.97
C THR B 214 12.39 14.94 13.04
N HIS B 215 11.22 14.30 13.15
CA HIS B 215 10.99 13.27 14.17
C HIS B 215 10.59 11.91 13.55
N GLU B 216 10.68 10.86 14.37
CA GLU B 216 10.23 9.50 14.07
C GLU B 216 9.19 9.14 15.11
N LEU B 217 8.12 8.45 14.71
CA LEU B 217 7.09 8.05 15.65
C LEU B 217 7.65 6.90 16.50
N GLN B 218 7.54 7.04 17.83
CA GLN B 218 7.99 6.00 18.73
C GLN B 218 6.83 5.15 19.25
N VAL B 219 5.71 5.79 19.65
CA VAL B 219 4.55 5.07 20.17
C VAL B 219 3.27 5.56 19.52
N ILE B 220 2.31 4.63 19.28
CA ILE B 220 0.97 4.95 18.78
C ILE B 220 -0.07 4.06 19.46
N THR B 221 -1.06 4.66 20.14
CA THR B 221 -2.18 3.97 20.77
C THR B 221 -3.44 4.46 20.07
N LEU B 222 -4.21 3.56 19.48
CA LEU B 222 -5.41 3.91 18.75
C LEU B 222 -6.64 3.09 19.23
N ASP B 223 -7.68 3.80 19.69
CA ASP B 223 -8.96 3.23 20.11
C ASP B 223 -9.94 3.32 18.93
N TYR B 224 -10.61 2.22 18.59
CA TYR B 224 -11.58 2.15 17.50
C TYR B 224 -13.00 2.23 18.10
N ARG B 225 -13.81 3.20 17.67
CA ARG B 225 -15.15 3.38 18.25
C ARG B 225 -16.28 3.06 17.28
N ARG B 226 -16.05 3.35 16.00
CA ARG B 226 -17.07 3.19 14.97
C ARG B 226 -16.40 2.96 13.62
N GLU B 227 -17.02 2.15 12.75
N GLU B 227 -17.02 2.14 12.75
N GLU B 227 -17.02 2.15 12.75
CA GLU B 227 -16.46 1.90 11.43
CA GLU B 227 -16.45 1.88 11.44
CA GLU B 227 -16.46 1.90 11.43
C GLU B 227 -16.85 3.00 10.44
C GLU B 227 -16.85 2.99 10.44
C GLU B 227 -16.85 3.00 10.44
N CYS B 228 -15.91 3.36 9.57
CA CYS B 228 -16.13 4.40 8.57
C CYS B 228 -16.59 3.70 7.27
N GLN B 229 -17.70 4.15 6.69
CA GLN B 229 -18.21 3.58 5.45
C GLN B 229 -17.50 4.20 4.24
N GLN B 230 -17.63 3.55 3.07
CA GLN B 230 -17.03 3.97 1.81
C GLN B 230 -17.43 5.40 1.41
N ASP B 231 -18.66 5.81 1.72
CA ASP B 231 -19.18 7.14 1.41
C ASP B 231 -19.14 8.15 2.59
N ASP B 232 -18.37 7.83 3.65
CA ASP B 232 -18.23 8.74 4.79
C ASP B 232 -17.01 9.68 4.58
N VAL B 233 -17.05 10.88 5.15
CA VAL B 233 -15.99 11.90 5.08
C VAL B 233 -15.52 12.15 6.51
N VAL B 234 -14.21 12.16 6.75
CA VAL B 234 -13.63 12.26 8.10
C VAL B 234 -12.73 13.48 8.29
N ASP B 235 -12.73 14.05 9.52
CA ASP B 235 -11.84 15.16 9.90
C ASP B 235 -10.82 14.59 10.89
N SER B 236 -9.54 14.89 10.69
CA SER B 236 -8.45 14.43 11.56
C SER B 236 -7.99 15.58 12.47
N LEU B 237 -8.11 15.43 13.79
CA LEU B 237 -7.80 16.50 14.74
C LEU B 237 -6.61 16.13 15.66
N THR B 238 -5.67 17.07 15.90
CA THR B 238 -4.50 16.83 16.74
C THR B 238 -4.19 18.04 17.64
N THR B 239 -3.78 17.79 18.89
CA THR B 239 -3.36 18.82 19.82
C THR B 239 -2.13 18.30 20.57
N THR B 240 -1.09 19.13 20.71
CA THR B 240 0.11 18.73 21.43
C THR B 240 -0.22 18.64 22.91
N THR B 241 0.16 17.54 23.57
CA THR B 241 -0.06 17.41 25.01
C THR B 241 1.26 17.50 25.80
N SER B 242 2.40 17.69 25.13
CA SER B 242 3.69 17.86 25.79
C SER B 242 4.08 19.36 25.86
N ASP B 260 10.92 14.97 23.49
CA ASP B 260 9.88 14.14 22.92
C ASP B 260 8.54 14.90 22.81
N SER B 261 7.83 14.73 21.68
CA SER B 261 6.53 15.37 21.50
C SER B 261 5.39 14.36 21.64
N GLN B 262 4.32 14.75 22.32
CA GLN B 262 3.15 13.90 22.51
C GLN B 262 1.96 14.61 21.89
N PHE B 263 1.02 13.84 21.33
CA PHE B 263 -0.18 14.42 20.74
C PHE B 263 -1.40 13.61 21.15
N LEU B 264 -2.51 14.29 21.25
CA LEU B 264 -3.81 13.66 21.46
C LEU B 264 -4.50 13.79 20.09
N HIS B 265 -5.12 12.71 19.62
CA HIS B 265 -5.76 12.69 18.31
C HIS B 265 -7.23 12.34 18.37
N LEU B 266 -8.00 12.79 17.37
CA LEU B 266 -9.42 12.47 17.25
C LEU B 266 -9.85 12.39 15.78
N LEU B 267 -10.43 11.26 15.37
CA LEU B 267 -11.03 11.12 14.05
C LEU B 267 -12.56 11.20 14.25
N ARG B 268 -13.24 12.06 13.50
CA ARG B 268 -14.69 12.20 13.59
C ARG B 268 -15.31 12.43 12.23
N LEU B 269 -16.60 12.10 12.06
CA LEU B 269 -17.27 12.32 10.78
C LEU B 269 -17.38 13.81 10.51
N SER B 270 -17.04 14.22 9.28
CA SER B 270 -16.99 15.61 8.82
C SER B 270 -18.28 16.38 9.02
N GLY B 271 -19.40 15.67 9.03
CA GLY B 271 -20.69 16.30 9.20
C GLY B 271 -21.13 16.45 10.63
N ASP B 272 -21.75 15.39 11.17
CA ASP B 272 -22.29 15.42 12.53
C ASP B 272 -21.23 15.40 13.64
N GLY B 273 -19.98 15.16 13.30
CA GLY B 273 -18.92 15.12 14.30
C GLY B 273 -18.94 13.87 15.17
N GLN B 274 -19.53 12.77 14.65
CA GLN B 274 -19.61 11.48 15.32
C GLN B 274 -18.21 10.88 15.39
N GLU B 275 -17.75 10.55 16.59
CA GLU B 275 -16.41 9.98 16.79
C GLU B 275 -16.22 8.61 16.16
N ILE B 276 -15.12 8.43 15.42
CA ILE B 276 -14.81 7.11 14.86
C ILE B 276 -13.57 6.51 15.57
N ASN B 277 -12.60 7.37 16.00
CA ASN B 277 -11.36 6.95 16.68
C ASN B 277 -10.80 8.05 17.57
N ARG B 278 -10.05 7.63 18.59
CA ARG B 278 -9.29 8.52 19.43
C ARG B 278 -7.90 7.87 19.69
N GLY B 279 -6.86 8.68 19.90
CA GLY B 279 -5.53 8.12 20.11
C GLY B 279 -4.48 9.08 20.62
N THR B 280 -3.28 8.56 20.83
CA THR B 280 -2.11 9.31 21.27
C THR B 280 -0.88 8.83 20.48
N THR B 281 0.02 9.77 20.16
CA THR B 281 1.29 9.45 19.52
C THR B 281 2.44 10.10 20.31
N LEU B 282 3.61 9.43 20.33
CA LEU B 282 4.79 9.92 20.99
C LEU B 282 5.88 9.90 19.91
N TRP B 283 6.56 11.04 19.70
CA TRP B 283 7.57 11.16 18.64
C TRP B 283 8.91 11.54 19.24
N ARG B 284 10.01 10.95 18.70
CA ARG B 284 11.39 11.23 19.12
C ARG B 284 12.19 11.94 18.01
N LYS B 285 13.02 12.93 18.39
CA LYS B 285 13.88 13.68 17.48
C LYS B 285 14.84 12.74 16.71
N LYS B 286 14.94 12.89 15.37
CA LYS B 286 15.83 12.02 14.57
C LYS B 286 17.29 12.20 14.99
N1 A1BMV C . -9.99 -2.52 -8.56
N3 A1BMV C . -9.64 -4.42 -11.10
C4 A1BMV C . -10.07 -1.29 -6.20
C5 A1BMV C . -10.42 -0.37 -7.37
C6 A1BMV C . -10.26 -1.07 -8.72
C7 A1BMV C . -8.94 -3.11 -9.16
C8 A1BMV C . -9.17 -4.42 -9.85
C10 A1BMV C . -9.50 -6.77 -11.06
C1 A1BMV C . -12.27 -3.47 -8.21
C11 A1BMV C . -9.79 -5.59 -11.70
C2 A1BMV C . -10.87 -3.25 -7.63
C3 A1BMV C . -10.92 -2.57 -6.26
C9 A1BMV C . -8.84 -5.62 -9.23
N2 A1BMV C . -9.02 -6.80 -9.82
O1 A1BMV C . -7.84 -2.57 -9.20
S SO4 D . 14.57 2.76 -17.15
O1 SO4 D . 13.75 2.69 -18.36
O2 SO4 D . 15.88 2.13 -17.38
O3 SO4 D . 14.76 4.17 -16.77
O4 SO4 D . 13.80 2.07 -16.08
S SO4 E . -4.29 -2.00 -2.71
O1 SO4 E . -5.11 -1.67 -3.89
O2 SO4 E . -2.95 -2.41 -3.13
O3 SO4 E . -4.21 -0.76 -1.92
O4 SO4 E . -4.96 -3.05 -1.89
N1 A1BMV F . 5.25 8.68 8.46
N3 A1BMV F . 7.81 6.71 9.16
C4 A1BMV F . 4.28 9.07 6.03
C5 A1BMV F . 3.35 9.56 7.14
C6 A1BMV F . 3.93 9.32 8.52
C7 A1BMV F . 5.51 7.52 9.08
C8 A1BMV F . 6.83 7.36 9.78
C10 A1BMV F . 9.09 7.00 11.12
C1 A1BMV F . 6.84 10.59 8.27
C11 A1BMV F . 8.95 6.54 9.83
C2 A1BMV F . 6.27 9.34 7.61
C3 A1BMV F . 5.69 9.65 6.22
C9 A1BMV F . 6.97 7.80 11.09
N2 A1BMV F . 8.10 7.61 11.77
O1 A1BMV F . 4.67 6.63 9.12
S SO4 G . 3.06 3.34 2.73
O1 SO4 G . 1.87 3.53 1.89
O2 SO4 G . 4.27 3.71 1.99
O3 SO4 G . 2.88 4.20 3.92
O4 SO4 G . 3.09 1.92 3.15
S SO4 H . -7.48 -12.71 17.22
O1 SO4 H . -8.79 -12.34 16.68
O2 SO4 H . -6.47 -12.80 16.15
O3 SO4 H . -7.04 -11.65 18.17
O4 SO4 H . -7.57 -14.02 17.90
#